data_6LG2
#
_entry.id   6LG2
#
_cell.length_a   34.974
_cell.length_b   83.559
_cell.length_c   63.278
_cell.angle_alpha   90.000
_cell.angle_beta   92.217
_cell.angle_gamma   90.000
#
_symmetry.space_group_name_H-M   'P 1 21 1'
#
loop_
_entity.id
_entity.type
_entity.pdbx_description
1 polymer 'Predicted transcriptional regulators'
2 non-polymer 4-HYDROXY-3-METHOXYBENZOATE
3 water water
#
_entity_poly.entity_id   1
_entity_poly.type   'polypeptide(L)'
_entity_poly.pdbx_seq_one_letter_code
;MTLRSALLALLSSGPLTGYDASQRFGASVGFVWSGSDSQIYPELRKMEAEELLVGSDVPWGSKGATKTEYALSEKGWEAL
RKAWYEPVTYGPTRDPARLKAAYFEVGTNGDARRHLRAHIAHFEQQKIQSESMIDELKAKTHPTLARRLERSPKKEHERI
VAFKVLAYEGQIARAQAEIEWAEKGLKLLDTL
;
_entity_poly.pdbx_strand_id   A,B
#
loop_
_chem_comp.id
_chem_comp.type
_chem_comp.name
_chem_comp.formula
VNL non-polymer 4-HYDROXY-3-METHOXYBENZOATE 'C8 H7 O4 -1'
#
# COMPACT_ATOMS: atom_id res chain seq x y z
N MET A 1 8.27 10.90 8.23
CA MET A 1 7.69 12.18 7.82
C MET A 1 6.17 12.11 7.81
N THR A 2 5.64 11.07 7.18
CA THR A 2 4.19 10.96 7.14
C THR A 2 3.64 10.53 8.50
N LEU A 3 4.37 9.69 9.24
CA LEU A 3 3.96 9.39 10.60
C LEU A 3 3.93 10.67 11.44
N ARG A 4 4.93 11.52 11.28
CA ARG A 4 4.91 12.82 11.95
C ARG A 4 3.66 13.60 11.58
N SER A 5 3.30 13.63 10.30
CA SER A 5 2.11 14.37 9.86
C SER A 5 0.85 13.81 10.50
N ALA A 6 0.73 12.49 10.60
CA ALA A 6 -0.43 11.89 11.24
C ALA A 6 -0.48 12.19 12.74
N LEU A 7 0.69 12.29 13.39
CA LEU A 7 0.70 12.65 14.80
C LEU A 7 0.32 14.10 15.01
N LEU A 8 0.80 15.00 14.13
CA LEU A 8 0.35 16.39 14.19
C LEU A 8 -1.16 16.47 14.04
N ALA A 9 -1.71 15.71 13.09
CA ALA A 9 -3.15 15.70 12.88
C ALA A 9 -3.88 15.19 14.13
N LEU A 10 -3.39 14.09 14.70
CA LEU A 10 -4.02 13.57 15.92
C LEU A 10 -3.97 14.59 17.05
N LEU A 11 -2.80 15.19 17.26
CA LEU A 11 -2.62 16.10 18.38
C LEU A 11 -3.36 17.42 18.18
N SER A 12 -3.80 17.76 16.97
CA SER A 12 -4.67 18.91 16.83
C SER A 12 -6.04 18.67 17.46
N SER A 13 -6.38 17.43 17.82
CA SER A 13 -7.62 17.19 18.55
C SER A 13 -7.50 17.46 20.03
N GLY A 14 -6.29 17.75 20.52
CA GLY A 14 -6.08 18.05 21.92
C GLY A 14 -4.83 17.37 22.44
N PRO A 15 -4.31 17.87 23.55
CA PRO A 15 -3.06 17.32 24.09
C PRO A 15 -3.22 15.90 24.57
N LEU A 16 -2.13 15.13 24.45
CA LEU A 16 -2.13 13.73 24.84
C LEU A 16 -0.78 13.35 25.42
N THR A 17 -0.78 12.49 26.43
CA THR A 17 0.44 11.80 26.80
C THR A 17 0.85 10.84 25.68
N GLY A 18 2.09 10.35 25.75
CA GLY A 18 2.54 9.39 24.75
C GLY A 18 1.74 8.11 24.77
N TYR A 19 1.44 7.59 25.97
CA TYR A 19 0.65 6.37 26.07
C TYR A 19 -0.75 6.57 25.51
N ASP A 20 -1.40 7.67 25.92
CA ASP A 20 -2.75 7.94 25.42
C ASP A 20 -2.73 8.22 23.92
N ALA A 21 -1.70 8.91 23.43
CA ALA A 21 -1.59 9.15 22.00
C ALA A 21 -1.52 7.84 21.24
N SER A 22 -0.70 6.91 21.74
CA SER A 22 -0.54 5.58 21.11
C SER A 22 -1.90 4.86 21.06
N GLN A 23 -2.66 4.89 22.15
CA GLN A 23 -3.97 4.25 22.21
C GLN A 23 -4.96 4.91 21.25
N ARG A 24 -5.03 6.25 21.30
CA ARG A 24 -5.99 6.97 20.45
C ARG A 24 -5.60 6.90 18.99
N PHE A 25 -4.30 6.86 18.68
CA PHE A 25 -3.85 6.77 17.29
C PHE A 25 -4.37 5.50 16.64
N GLY A 26 -4.16 4.35 17.29
CA GLY A 26 -4.56 3.08 16.71
C GLY A 26 -6.05 2.91 16.55
N ALA A 27 -6.85 3.63 17.32
CA ALA A 27 -8.30 3.60 17.20
C ALA A 27 -8.84 4.64 16.24
N SER A 28 -7.99 5.49 15.65
CA SER A 28 -8.49 6.53 14.75
C SER A 28 -7.69 6.58 13.45
N VAL A 29 -6.70 7.47 13.39
CA VAL A 29 -5.93 7.67 12.17
C VAL A 29 -5.06 6.46 11.83
N GLY A 30 -4.77 5.60 12.82
CA GLY A 30 -4.02 4.39 12.53
C GLY A 30 -4.68 3.47 11.52
N PHE A 31 -5.96 3.65 11.24
CA PHE A 31 -6.63 2.85 10.23
C PHE A 31 -6.30 3.30 8.81
N VAL A 32 -5.82 4.53 8.62
CA VAL A 32 -5.36 4.97 7.31
C VAL A 32 -3.86 5.20 7.25
N TRP A 33 -3.17 5.37 8.39
CA TRP A 33 -1.71 5.44 8.42
C TRP A 33 -1.25 4.81 9.73
N SER A 34 -0.87 3.55 9.67
CA SER A 34 -0.63 2.81 10.90
C SER A 34 0.63 3.29 11.59
N GLY A 35 0.62 3.21 12.91
CA GLY A 35 1.79 3.48 13.71
C GLY A 35 1.70 2.70 14.99
N SER A 36 2.79 2.05 15.38
CA SER A 36 2.85 1.25 16.61
C SER A 36 3.38 2.09 17.77
N ASP A 37 3.33 1.51 18.96
CA ASP A 37 3.82 2.17 20.20
C ASP A 37 5.34 2.41 20.11
N SER A 38 6.06 1.55 19.39
CA SER A 38 7.51 1.70 19.28
C SER A 38 7.90 2.70 18.20
N GLN A 39 6.98 3.06 17.31
CA GLN A 39 7.20 4.14 16.36
C GLN A 39 6.74 5.47 16.92
N ILE A 40 5.59 5.49 17.59
CA ILE A 40 4.98 6.74 18.02
C ILE A 40 5.81 7.40 19.12
N TYR A 41 6.17 6.62 20.16
CA TYR A 41 6.90 7.18 21.30
C TYR A 41 8.16 7.95 20.89
N PRO A 42 9.08 7.38 20.09
CA PRO A 42 10.27 8.17 19.72
C PRO A 42 9.97 9.32 18.80
N GLU A 43 8.94 9.22 17.96
CA GLU A 43 8.62 10.34 17.08
C GLU A 43 8.10 11.51 17.88
N LEU A 44 7.23 11.24 18.85
CA LEU A 44 6.77 12.32 19.72
C LEU A 44 7.94 12.98 20.41
N ARG A 45 8.91 12.20 20.88
CA ARG A 45 10.07 12.79 21.53
C ARG A 45 10.88 13.63 20.55
N LYS A 46 11.02 13.17 19.30
CA LYS A 46 11.73 13.95 18.30
C LYS A 46 10.99 15.24 17.97
N MET A 47 9.66 15.16 17.85
CA MET A 47 8.88 16.36 17.55
C MET A 47 8.99 17.39 18.66
N GLU A 48 9.05 16.92 19.92
CA GLU A 48 9.27 17.85 21.01
C GLU A 48 10.65 18.48 20.93
N ALA A 49 11.67 17.69 20.60
CA ALA A 49 13.02 18.23 20.45
C ALA A 49 13.11 19.21 19.29
N GLU A 50 12.31 19.03 18.25
CA GLU A 50 12.26 19.95 17.13
C GLU A 50 11.28 21.09 17.36
N GLU A 51 10.75 21.20 18.58
CA GLU A 51 9.93 22.31 19.04
C GLU A 51 8.59 22.38 18.33
N LEU A 52 8.16 21.28 17.72
CA LEU A 52 6.80 21.17 17.17
C LEU A 52 5.78 20.85 18.24
N LEU A 53 6.22 20.28 19.37
CA LEU A 53 5.35 19.95 20.49
C LEU A 53 5.88 20.60 21.76
N VAL A 54 4.96 20.92 22.65
CA VAL A 54 5.29 21.42 23.98
C VAL A 54 4.93 20.32 24.96
N GLY A 55 5.90 19.93 25.80
CA GLY A 55 5.69 18.89 26.79
C GLY A 55 5.41 19.51 28.17
N SER A 56 4.35 19.02 28.80
CA SER A 56 3.93 19.51 30.11
C SER A 56 3.62 18.32 31.00
N ASP A 57 3.95 18.44 32.28
CA ASP A 57 3.86 17.31 33.19
C ASP A 57 2.45 17.19 33.75
N VAL A 58 1.92 15.95 33.75
CA VAL A 58 0.63 15.65 34.34
C VAL A 58 0.80 14.50 35.33
N THR A 68 5.21 15.40 29.91
CA THR A 68 4.78 14.05 29.61
C THR A 68 3.49 14.07 28.78
N GLU A 69 2.74 15.16 28.85
CA GLU A 69 1.59 15.40 27.97
C GLU A 69 2.01 16.36 26.86
N TYR A 70 1.75 15.97 25.61
CA TYR A 70 2.22 16.72 24.45
C TYR A 70 1.12 17.60 23.89
N ALA A 71 1.47 18.83 23.53
CA ALA A 71 0.55 19.72 22.86
C ALA A 71 1.27 20.35 21.66
N LEU A 72 0.50 20.69 20.62
CA LEU A 72 1.09 21.39 19.49
C LEU A 72 1.61 22.75 19.92
N SER A 73 2.84 23.06 19.51
CA SER A 73 3.31 24.43 19.59
C SER A 73 2.81 25.20 18.38
N GLU A 74 3.08 26.52 18.38
CA GLU A 74 2.75 27.32 17.19
C GLU A 74 3.50 26.80 15.97
N LYS A 75 4.76 26.39 16.15
CA LYS A 75 5.52 25.79 15.06
C LYS A 75 4.90 24.47 14.62
N GLY A 76 4.31 23.72 15.56
CA GLY A 76 3.62 22.49 15.20
C GLY A 76 2.38 22.76 14.36
N TRP A 77 1.57 23.74 14.78
CA TRP A 77 0.42 24.11 13.95
C TRP A 77 0.87 24.52 12.55
N GLU A 78 1.96 25.30 12.46
CA GLU A 78 2.49 25.69 11.16
C GLU A 78 2.92 24.48 10.35
N ALA A 79 3.58 23.51 10.99
CA ALA A 79 4.04 22.32 10.27
C ALA A 79 2.86 21.48 9.80
N LEU A 80 1.79 21.44 10.60
CA LEU A 80 0.58 20.74 10.19
C LEU A 80 0.00 21.34 8.92
N ARG A 81 -0.13 22.67 8.88
CA ARG A 81 -0.73 23.33 7.73
C ARG A 81 0.16 23.21 6.50
N LYS A 82 1.47 23.37 6.67
CA LYS A 82 2.38 23.18 5.54
C LYS A 82 2.31 21.76 5.00
N ALA A 83 2.27 20.77 5.88
CA ALA A 83 2.20 19.38 5.44
C ALA A 83 0.94 19.13 4.64
N TRP A 84 -0.19 19.72 5.04
CA TRP A 84 -1.42 19.46 4.31
C TRP A 84 -1.45 20.18 2.97
N TYR A 85 -0.87 21.38 2.90
CA TYR A 85 -0.89 22.13 1.66
C TYR A 85 -0.08 21.45 0.57
N GLU A 86 0.97 20.73 0.94
CA GLU A 86 1.87 20.13 -0.03
C GLU A 86 1.19 19.00 -0.78
N PRO A 87 1.49 18.80 -2.06
CA PRO A 87 0.89 17.69 -2.79
C PRO A 87 1.29 16.34 -2.20
N VAL A 88 0.39 15.37 -2.34
CA VAL A 88 0.69 14.00 -1.95
C VAL A 88 1.83 13.48 -2.81
N THR A 89 2.78 12.82 -2.17
CA THR A 89 3.84 12.10 -2.86
C THR A 89 3.42 10.63 -2.86
N TYR A 90 3.07 10.13 -4.03
CA TYR A 90 2.57 8.77 -4.13
C TYR A 90 3.74 7.80 -4.12
N GLY A 91 3.78 6.94 -3.12
CA GLY A 91 4.82 5.95 -3.01
C GLY A 91 4.57 4.83 -3.99
N PRO A 92 5.56 3.96 -4.15
CA PRO A 92 5.38 2.80 -5.04
C PRO A 92 4.55 1.71 -4.38
N THR A 93 3.98 0.87 -5.23
CA THR A 93 3.08 -0.18 -4.75
C THR A 93 3.87 -1.27 -4.04
N ARG A 94 3.42 -1.66 -2.84
CA ARG A 94 3.90 -2.85 -2.15
C ARG A 94 2.68 -3.62 -1.66
N ASP A 95 2.13 -4.47 -2.52
CA ASP A 95 0.88 -5.17 -2.26
C ASP A 95 1.17 -6.65 -2.20
N PRO A 96 1.17 -7.27 -1.02
CA PRO A 96 1.53 -8.70 -0.96
C PRO A 96 0.54 -9.62 -1.63
N ALA A 97 -0.75 -9.29 -1.65
CA ALA A 97 -1.71 -10.15 -2.31
C ALA A 97 -1.60 -10.07 -3.83
N ARG A 98 -1.31 -8.87 -4.37
CA ARG A 98 -1.08 -8.74 -5.80
C ARG A 98 0.17 -9.49 -6.24
N LEU A 99 1.25 -9.40 -5.45
CA LEU A 99 2.45 -10.17 -5.70
C LEU A 99 2.15 -11.66 -5.70
N LYS A 100 1.42 -12.12 -4.68
CA LYS A 100 1.03 -13.53 -4.63
C LYS A 100 0.29 -13.94 -5.90
N ALA A 101 -0.70 -13.12 -6.31
CA ALA A 101 -1.54 -13.47 -7.44
C ALA A 101 -0.75 -13.51 -8.74
N ALA A 102 0.21 -12.59 -8.90
CA ALA A 102 0.99 -12.53 -10.13
C ALA A 102 1.74 -13.82 -10.39
N TYR A 103 2.05 -14.55 -9.34
CA TYR A 103 2.83 -15.79 -9.46
C TYR A 103 2.06 -16.99 -8.93
N PHE A 104 0.73 -16.98 -9.06
CA PHE A 104 -0.04 -18.14 -8.61
C PHE A 104 0.43 -19.44 -9.26
N GLU A 105 1.08 -19.40 -10.43
CA GLU A 105 1.53 -20.65 -11.02
C GLU A 105 2.58 -21.37 -10.19
N VAL A 106 3.19 -20.70 -9.20
CA VAL A 106 4.15 -21.35 -8.30
C VAL A 106 3.48 -22.43 -7.48
N GLY A 107 2.16 -22.29 -7.25
CA GLY A 107 1.42 -23.26 -6.49
C GLY A 107 0.28 -23.87 -7.30
N THR A 108 -0.66 -24.50 -6.60
CA THR A 108 -1.79 -25.15 -7.25
C THR A 108 -2.95 -24.18 -7.42
N ASN A 109 -3.91 -24.56 -8.27
CA ASN A 109 -5.15 -23.79 -8.34
C ASN A 109 -5.85 -23.78 -6.98
N GLY A 110 -5.79 -24.90 -6.26
CA GLY A 110 -6.38 -24.93 -4.92
C GLY A 110 -5.72 -23.95 -3.97
N ASP A 111 -4.39 -23.82 -4.04
CA ASP A 111 -3.70 -22.80 -3.24
C ASP A 111 -4.22 -21.42 -3.62
N ALA A 112 -4.34 -21.17 -4.92
CA ALA A 112 -4.77 -19.86 -5.40
C ALA A 112 -6.17 -19.53 -4.91
N ARG A 113 -7.09 -20.51 -4.94
CA ARG A 113 -8.43 -20.27 -4.42
C ARG A 113 -8.40 -19.93 -2.94
N ARG A 114 -7.55 -20.62 -2.17
CA ARG A 114 -7.37 -20.32 -0.76
C ARG A 114 -6.92 -18.89 -0.56
N HIS A 115 -5.92 -18.44 -1.35
CA HIS A 115 -5.46 -17.06 -1.22
C HIS A 115 -6.58 -16.09 -1.58
N LEU A 116 -7.31 -16.36 -2.66
CA LEU A 116 -8.31 -15.39 -3.08
C LEU A 116 -9.48 -15.36 -2.10
N ARG A 117 -9.82 -16.51 -1.52
CA ARG A 117 -10.87 -16.51 -0.51
C ARG A 117 -10.44 -15.74 0.72
N ALA A 118 -9.16 -15.81 1.10
CA ALA A 118 -8.68 -15.08 2.25
C ALA A 118 -8.66 -13.58 1.98
N HIS A 119 -8.34 -13.21 0.75
CA HIS A 119 -8.42 -11.81 0.33
C HIS A 119 -9.83 -11.28 0.51
N ILE A 120 -10.82 -12.04 0.06
CA ILE A 120 -12.21 -11.61 0.17
C ILE A 120 -12.59 -11.46 1.64
N ALA A 121 -12.23 -12.45 2.47
CA ALA A 121 -12.60 -12.37 3.87
C ALA A 121 -11.94 -11.18 4.56
N HIS A 122 -10.67 -10.91 4.22
CA HIS A 122 -9.96 -9.78 4.83
C HIS A 122 -10.65 -8.47 4.54
N PHE A 123 -11.03 -8.24 3.28
CA PHE A 123 -11.64 -6.97 2.89
C PHE A 123 -13.13 -6.92 3.22
N GLU A 124 -13.81 -8.07 3.35
CA GLU A 124 -15.17 -8.01 3.88
C GLU A 124 -15.13 -7.61 5.36
N GLN A 125 -14.13 -8.08 6.10
CA GLN A 125 -13.98 -7.61 7.47
C GLN A 125 -13.63 -6.13 7.50
N GLN A 126 -12.76 -5.69 6.58
CA GLN A 126 -12.43 -4.26 6.53
C GLN A 126 -13.68 -3.42 6.28
N LYS A 127 -14.60 -3.90 5.44
CA LYS A 127 -15.81 -3.14 5.17
C LYS A 127 -16.66 -2.98 6.42
N ILE A 128 -16.83 -4.06 7.18
CA ILE A 128 -17.55 -3.98 8.45
C ILE A 128 -16.91 -2.98 9.39
N GLN A 129 -15.57 -3.01 9.48
CA GLN A 129 -14.90 -2.09 10.39
C GLN A 129 -15.09 -0.66 9.94
N SER A 130 -14.95 -0.41 8.63
CA SER A 130 -15.09 0.95 8.12
C SER A 130 -16.52 1.46 8.30
N GLU A 131 -17.52 0.63 8.02
CA GLU A 131 -18.90 1.07 8.18
C GLU A 131 -19.22 1.36 9.64
N SER A 132 -18.69 0.55 10.56
CA SER A 132 -18.89 0.83 11.98
C SER A 132 -18.22 2.14 12.39
N MET A 133 -17.01 2.40 11.89
CA MET A 133 -16.36 3.68 12.13
C MET A 133 -17.22 4.83 11.64
N ILE A 134 -17.78 4.71 10.43
CA ILE A 134 -18.64 5.77 9.90
C ILE A 134 -19.82 6.00 10.83
N ASP A 135 -20.42 4.92 11.35
CA ASP A 135 -21.53 5.08 12.30
C ASP A 135 -21.11 5.88 13.52
N GLU A 136 -19.93 5.60 14.07
CA GLU A 136 -19.47 6.31 15.25
C GLU A 136 -19.13 7.76 14.93
N LEU A 137 -18.56 8.01 13.74
CA LEU A 137 -18.25 9.37 13.32
C LEU A 137 -19.53 10.19 13.18
N LYS A 138 -20.56 9.62 12.55
CA LYS A 138 -21.78 10.37 12.34
C LYS A 138 -22.55 10.55 13.64
N ALA A 139 -22.41 9.60 14.57
CA ALA A 139 -23.00 9.75 15.90
C ALA A 139 -22.24 10.75 16.75
N LYS A 140 -21.07 11.21 16.28
CA LYS A 140 -20.19 12.16 16.96
C LYS A 140 -19.67 11.64 18.30
N THR A 141 -19.67 10.32 18.50
CA THR A 141 -19.24 9.77 19.78
C THR A 141 -17.89 9.06 19.73
N HIS A 142 -17.29 8.92 18.55
CA HIS A 142 -15.93 8.41 18.49
C HIS A 142 -15.04 9.25 19.38
N PRO A 143 -14.29 8.65 20.32
CA PRO A 143 -13.62 9.46 21.36
C PRO A 143 -12.67 10.52 20.83
N THR A 144 -11.92 10.25 19.77
CA THR A 144 -11.03 11.30 19.29
C THR A 144 -11.81 12.37 18.54
N LEU A 145 -12.81 11.98 17.75
CA LEU A 145 -13.64 12.97 17.08
C LEU A 145 -14.37 13.83 18.09
N ALA A 146 -14.89 13.22 19.16
CA ALA A 146 -15.62 13.99 20.17
C ALA A 146 -14.73 15.07 20.77
N ARG A 147 -13.49 14.73 21.12
CA ARG A 147 -12.55 15.71 21.63
C ARG A 147 -12.27 16.80 20.61
N ARG A 148 -12.04 16.41 19.36
CA ARG A 148 -11.79 17.36 18.28
C ARG A 148 -12.94 18.36 18.14
N LEU A 149 -14.18 17.85 18.11
CA LEU A 149 -15.32 18.73 17.91
C LEU A 149 -15.46 19.73 19.06
N GLU A 150 -15.23 19.28 20.30
CA GLU A 150 -15.37 20.17 21.44
C GLU A 150 -14.39 21.33 21.39
N ARG A 151 -13.26 21.15 20.69
CA ARG A 151 -12.23 22.18 20.56
C ARG A 151 -12.22 22.84 19.18
N SER A 152 -13.27 22.65 18.38
CA SER A 152 -13.30 23.19 17.03
C SER A 152 -14.47 24.14 16.87
N PRO A 153 -14.32 25.19 16.05
CA PRO A 153 -15.45 26.09 15.81
C PRO A 153 -16.64 25.31 15.24
N LYS A 154 -17.83 25.71 15.66
CA LYS A 154 -19.03 24.98 15.26
C LYS A 154 -19.21 24.99 13.74
N LYS A 155 -18.88 26.10 13.09
CA LYS A 155 -19.00 26.19 11.63
C LYS A 155 -18.10 25.20 10.91
N GLU A 156 -17.12 24.61 11.59
CA GLU A 156 -16.23 23.62 11.01
C GLU A 156 -16.70 22.19 11.22
N HIS A 157 -17.71 21.96 12.07
CA HIS A 157 -18.02 20.60 12.50
C HIS A 157 -18.48 19.73 11.34
N GLU A 158 -19.30 20.30 10.45
CA GLU A 158 -19.82 19.51 9.33
C GLU A 158 -18.69 19.01 8.43
N ARG A 159 -17.76 19.89 8.07
CA ARG A 159 -16.59 19.51 7.27
C ARG A 159 -15.73 18.51 8.00
N ILE A 160 -15.46 18.76 9.29
CA ILE A 160 -14.63 17.86 10.06
C ILE A 160 -15.17 16.44 9.99
N VAL A 161 -16.47 16.27 10.27
CA VAL A 161 -17.03 14.91 10.26
C VAL A 161 -17.02 14.35 8.84
N ALA A 162 -17.38 15.19 7.87
CA ALA A 162 -17.56 14.72 6.50
C ALA A 162 -16.26 14.20 5.91
N PHE A 163 -15.13 14.80 6.28
CA PHE A 163 -13.85 14.35 5.74
C PHE A 163 -13.41 13.06 6.39
N LYS A 164 -13.69 12.87 7.68
CA LYS A 164 -13.43 11.57 8.30
C LYS A 164 -14.28 10.50 7.63
N VAL A 165 -15.54 10.81 7.37
CA VAL A 165 -16.41 9.84 6.69
C VAL A 165 -15.86 9.54 5.31
N LEU A 166 -15.46 10.59 4.57
CA LEU A 166 -14.91 10.41 3.24
C LEU A 166 -13.72 9.46 3.25
N ALA A 167 -12.84 9.58 4.24
CA ALA A 167 -11.68 8.71 4.28
C ALA A 167 -12.09 7.25 4.41
N TYR A 168 -13.10 6.98 5.25
CA TYR A 168 -13.51 5.60 5.44
C TYR A 168 -14.37 5.08 4.30
N GLU A 169 -15.05 5.97 3.57
CA GLU A 169 -15.70 5.59 2.32
C GLU A 169 -14.66 5.18 1.29
N GLY A 170 -13.46 5.76 1.35
CA GLY A 170 -12.39 5.33 0.46
C GLY A 170 -11.87 3.95 0.81
N GLN A 171 -11.74 3.66 2.11
CA GLN A 171 -11.41 2.31 2.55
C GLN A 171 -12.45 1.30 2.07
N ILE A 172 -13.72 1.67 2.10
CA ILE A 172 -14.78 0.77 1.65
C ILE A 172 -14.71 0.59 0.14
N ALA A 173 -14.49 1.68 -0.61
CA ALA A 173 -14.38 1.60 -2.07
C ALA A 173 -13.24 0.67 -2.47
N ARG A 174 -12.09 0.82 -1.83
CA ARG A 174 -10.95 -0.05 -2.15
C ARG A 174 -11.28 -1.49 -1.79
N ALA A 175 -11.89 -1.72 -0.63
CA ALA A 175 -12.23 -3.07 -0.22
C ALA A 175 -13.18 -3.72 -1.21
N GLN A 176 -14.18 -2.97 -1.67
CA GLN A 176 -15.13 -3.54 -2.62
C GLN A 176 -14.42 -3.92 -3.92
N ALA A 177 -13.49 -3.10 -4.38
CA ALA A 177 -12.78 -3.42 -5.61
C ALA A 177 -11.92 -4.65 -5.43
N GLU A 178 -11.30 -4.80 -4.25
CA GLU A 178 -10.50 -5.98 -3.95
C GLU A 178 -11.35 -7.24 -3.93
N ILE A 179 -12.55 -7.15 -3.36
CA ILE A 179 -13.44 -8.31 -3.33
C ILE A 179 -13.83 -8.72 -4.74
N GLU A 180 -14.22 -7.77 -5.57
CA GLU A 180 -14.68 -8.13 -6.91
C GLU A 180 -13.52 -8.62 -7.77
N TRP A 181 -12.32 -8.08 -7.56
CA TRP A 181 -11.15 -8.61 -8.23
C TRP A 181 -10.91 -10.06 -7.86
N ALA A 182 -10.99 -10.37 -6.56
CA ALA A 182 -10.75 -11.75 -6.14
C ALA A 182 -11.84 -12.66 -6.66
N GLU A 183 -13.08 -12.16 -6.74
CA GLU A 183 -14.16 -12.97 -7.29
C GLU A 183 -13.90 -13.29 -8.76
N LYS A 184 -13.38 -12.31 -9.52
CA LYS A 184 -13.02 -12.57 -10.91
C LYS A 184 -11.88 -13.56 -11.01
N GLY A 185 -10.93 -13.52 -10.07
CA GLY A 185 -9.86 -14.49 -10.06
C GLY A 185 -10.38 -15.89 -9.82
N LEU A 186 -11.34 -16.04 -8.91
CA LEU A 186 -11.91 -17.36 -8.64
C LEU A 186 -12.59 -17.91 -9.88
N LYS A 187 -13.25 -17.04 -10.65
CA LYS A 187 -13.83 -17.46 -11.92
C LYS A 187 -12.75 -17.82 -12.94
N LEU A 188 -11.67 -17.04 -12.99
CA LEU A 188 -10.55 -17.39 -13.87
C LEU A 188 -10.04 -18.79 -13.56
N LEU A 189 -9.93 -19.11 -12.27
CA LEU A 189 -9.37 -20.41 -11.90
C LEU A 189 -10.25 -21.55 -12.38
N ASP A 190 -11.53 -21.30 -12.65
CA ASP A 190 -12.39 -22.34 -13.22
C ASP A 190 -11.91 -22.81 -14.59
N THR A 191 -11.25 -21.92 -15.34
CA THR A 191 -10.86 -22.19 -16.71
C THR A 191 -9.41 -22.63 -16.87
N LEU A 192 -8.55 -22.31 -15.91
CA LEU A 192 -7.10 -22.47 -15.99
C LEU A 192 -6.44 -21.64 -14.89
N MET B 1 11.50 -9.89 4.06
CA MET B 1 11.09 -11.23 3.65
C MET B 1 10.32 -11.16 2.33
N THR B 2 9.37 -10.22 2.21
CA THR B 2 8.57 -10.17 1.00
C THR B 2 9.44 -9.77 -0.21
N LEU B 3 10.39 -8.86 -0.03
CA LEU B 3 11.29 -8.55 -1.13
C LEU B 3 12.06 -9.79 -1.58
N ARG B 4 12.50 -10.60 -0.62
CA ARG B 4 13.16 -11.86 -0.96
C ARG B 4 12.24 -12.74 -1.79
N SER B 5 10.95 -12.81 -1.44
CA SER B 5 10.02 -13.63 -2.22
C SER B 5 9.85 -13.10 -3.63
N ALA B 6 9.79 -11.78 -3.80
CA ALA B 6 9.65 -11.19 -5.13
C ALA B 6 10.89 -11.46 -5.99
N LEU B 7 12.08 -11.45 -5.36
CA LEU B 7 13.31 -11.76 -6.08
C LEU B 7 13.38 -13.23 -6.47
N LEU B 8 12.99 -14.14 -5.57
CA LEU B 8 12.92 -15.54 -5.96
C LEU B 8 11.98 -15.73 -7.15
N ALA B 9 10.83 -15.06 -7.14
CA ALA B 9 9.89 -15.17 -8.24
C ALA B 9 10.49 -14.66 -9.54
N LEU B 10 11.16 -13.50 -9.47
CA LEU B 10 11.81 -12.96 -10.65
C LEU B 10 12.86 -13.92 -11.17
N LEU B 11 13.72 -14.41 -10.28
CA LEU B 11 14.82 -15.24 -10.75
C LEU B 11 14.36 -16.62 -11.21
N SER B 12 13.13 -17.02 -10.90
CA SER B 12 12.62 -18.24 -11.53
C SER B 12 12.38 -18.06 -13.03
N SER B 13 12.42 -16.83 -13.55
CA SER B 13 12.43 -16.64 -15.00
C SER B 13 13.78 -16.90 -15.63
N GLY B 14 14.84 -16.96 -14.83
CA GLY B 14 16.15 -17.28 -15.34
C GLY B 14 17.23 -16.50 -14.64
N PRO B 15 18.46 -16.96 -14.75
CA PRO B 15 19.57 -16.29 -14.04
C PRO B 15 19.76 -14.87 -14.51
N LEU B 16 20.18 -14.02 -13.56
CA LEU B 16 20.37 -12.60 -13.78
C LEU B 16 21.55 -12.11 -12.96
N THR B 17 22.35 -11.22 -13.54
CA THR B 17 23.22 -10.42 -12.70
C THR B 17 22.39 -9.46 -11.86
N GLY B 18 23.02 -8.91 -10.81
CA GLY B 18 22.31 -7.96 -9.96
C GLY B 18 21.86 -6.72 -10.70
N TYR B 19 22.71 -6.22 -11.61
CA TYR B 19 22.33 -5.07 -12.42
C TYR B 19 21.14 -5.40 -13.32
N ASP B 20 21.20 -6.53 -14.03
CA ASP B 20 20.10 -6.92 -14.88
C ASP B 20 18.85 -7.26 -14.06
N ALA B 21 19.03 -7.89 -12.90
CA ALA B 21 17.89 -8.15 -12.02
C ALA B 21 17.21 -6.85 -11.62
N SER B 22 18.02 -5.85 -11.25
CA SER B 22 17.49 -4.53 -10.81
C SER B 22 16.61 -3.93 -11.90
N GLN B 23 17.14 -3.84 -13.13
CA GLN B 23 16.39 -3.26 -14.27
C GLN B 23 15.12 -4.08 -14.56
N ARG B 24 15.24 -5.40 -14.61
CA ARG B 24 14.08 -6.23 -14.92
C ARG B 24 13.04 -6.16 -13.81
N PHE B 25 13.49 -6.15 -12.55
CA PHE B 25 12.57 -6.08 -11.42
C PHE B 25 11.68 -4.84 -11.53
N GLY B 26 12.29 -3.69 -11.81
CA GLY B 26 11.53 -2.45 -11.83
C GLY B 26 10.52 -2.36 -12.95
N ALA B 27 10.73 -3.12 -14.03
CA ALA B 27 9.82 -3.14 -15.18
C ALA B 27 8.86 -4.32 -15.15
N SER B 28 8.89 -5.13 -14.09
CA SER B 28 7.96 -6.24 -13.95
C SER B 28 7.35 -6.26 -12.55
N VAL B 29 7.87 -7.12 -11.67
CA VAL B 29 7.27 -7.32 -10.36
C VAL B 29 7.33 -6.06 -9.49
N GLY B 30 8.25 -5.13 -9.80
CA GLY B 30 8.29 -3.88 -9.04
C GLY B 30 7.02 -3.06 -9.12
N PHE B 31 6.18 -3.28 -10.13
CA PHE B 31 4.91 -2.58 -10.20
C PHE B 31 3.91 -3.07 -9.16
N VAL B 32 4.10 -4.25 -8.57
CA VAL B 32 3.25 -4.71 -7.50
C VAL B 32 3.98 -4.82 -6.16
N TRP B 33 5.29 -5.06 -6.17
CA TRP B 33 6.07 -5.02 -4.92
C TRP B 33 7.36 -4.24 -5.22
N SER B 34 7.39 -2.98 -4.83
CA SER B 34 8.47 -2.11 -5.25
C SER B 34 9.80 -2.50 -4.62
N GLY B 35 10.87 -2.37 -5.40
CA GLY B 35 12.21 -2.62 -4.90
C GLY B 35 13.22 -1.72 -5.56
N SER B 36 13.92 -0.92 -4.75
CA SER B 36 14.96 -0.06 -5.28
C SER B 36 16.27 -0.84 -5.48
N ASP B 37 17.17 -0.24 -6.26
CA ASP B 37 18.49 -0.85 -6.56
C ASP B 37 19.24 -1.08 -5.24
N SER B 38 19.15 -0.14 -4.30
CA SER B 38 19.83 -0.27 -3.01
C SER B 38 19.17 -1.26 -2.07
N GLN B 39 17.92 -1.67 -2.34
CA GLN B 39 17.31 -2.75 -1.59
C GLN B 39 17.61 -4.10 -2.22
N ILE B 40 17.64 -4.16 -3.56
CA ILE B 40 17.79 -5.41 -4.28
C ILE B 40 19.22 -5.93 -4.20
N TYR B 41 20.21 -5.08 -4.40
CA TYR B 41 21.59 -5.59 -4.40
C TYR B 41 21.93 -6.32 -3.11
N PRO B 42 21.69 -5.77 -1.90
CA PRO B 42 22.10 -6.51 -0.71
C PRO B 42 21.23 -7.73 -0.44
N GLU B 43 19.97 -7.70 -0.87
CA GLU B 43 19.14 -8.88 -0.67
C GLU B 43 19.64 -10.05 -1.50
N LEU B 44 20.13 -9.79 -2.72
CA LEU B 44 20.68 -10.87 -3.54
C LEU B 44 21.97 -11.40 -2.92
N ARG B 45 22.81 -10.50 -2.40
CA ARG B 45 24.03 -10.97 -1.73
C ARG B 45 23.68 -11.86 -0.54
N LYS B 46 22.65 -11.47 0.22
CA LYS B 46 22.22 -12.28 1.35
C LYS B 46 21.66 -13.62 0.90
N MET B 47 20.86 -13.61 -0.16
CA MET B 47 20.26 -14.85 -0.65
C MET B 47 21.34 -15.82 -1.14
N GLU B 48 22.40 -15.29 -1.75
CA GLU B 48 23.51 -16.15 -2.15
C GLU B 48 24.25 -16.67 -0.93
N ALA B 49 24.48 -15.82 0.08
CA ALA B 49 25.15 -16.26 1.29
C ALA B 49 24.37 -17.36 1.99
N GLU B 50 23.04 -17.33 1.90
CA GLU B 50 22.17 -18.34 2.50
C GLU B 50 21.90 -19.50 1.56
N GLU B 51 22.57 -19.55 0.41
CA GLU B 51 22.55 -20.67 -0.54
C GLU B 51 21.19 -20.86 -1.20
N LEU B 52 20.32 -19.85 -1.17
CA LEU B 52 19.13 -19.84 -2.01
C LEU B 52 19.45 -19.55 -3.46
N LEU B 53 20.60 -18.94 -3.71
CA LEU B 53 21.08 -18.60 -5.04
C LEU B 53 22.50 -19.11 -5.18
N VAL B 54 22.83 -19.53 -6.39
CA VAL B 54 24.18 -19.87 -6.80
C VAL B 54 24.70 -18.68 -7.58
N GLY B 55 25.86 -18.18 -7.17
CA GLY B 55 26.53 -17.13 -7.92
C GLY B 55 27.55 -17.74 -8.86
N SER B 56 27.55 -17.24 -10.09
CA SER B 56 28.52 -17.62 -11.10
C SER B 56 29.10 -16.36 -11.72
N ASP B 57 30.41 -16.25 -11.73
CA ASP B 57 31.07 -15.12 -12.38
C ASP B 57 30.94 -15.24 -13.89
N VAL B 58 30.42 -14.20 -14.53
CA VAL B 58 30.25 -14.20 -15.98
C VAL B 58 30.90 -12.95 -16.56
N PRO B 59 31.46 -13.03 -17.76
CA PRO B 59 31.84 -11.81 -18.48
C PRO B 59 30.63 -10.93 -18.68
N TRP B 60 30.78 -9.64 -18.38
CA TRP B 60 29.65 -8.72 -18.40
C TRP B 60 30.11 -7.27 -18.59
N ALA B 65 35.29 -6.75 -17.16
CA ALA B 65 35.05 -7.16 -15.78
C ALA B 65 34.12 -8.37 -15.73
N THR B 66 34.16 -9.11 -14.63
CA THR B 66 33.20 -10.17 -14.39
C THR B 66 32.15 -9.70 -13.40
N LYS B 67 30.93 -10.21 -13.57
CA LYS B 67 29.84 -9.91 -12.65
C LYS B 67 29.21 -11.21 -12.19
N THR B 68 28.62 -11.18 -11.00
CA THR B 68 27.95 -12.36 -10.45
C THR B 68 26.58 -12.52 -11.09
N GLU B 69 26.36 -13.66 -11.74
CA GLU B 69 25.05 -14.06 -12.23
C GLU B 69 24.41 -14.97 -11.20
N TYR B 70 23.19 -14.63 -10.79
CA TYR B 70 22.50 -15.36 -9.73
C TYR B 70 21.49 -16.30 -10.36
N ALA B 71 21.48 -17.55 -9.89
CA ALA B 71 20.49 -18.53 -10.31
C ALA B 71 19.93 -19.21 -9.07
N LEU B 72 18.65 -19.57 -9.14
CA LEU B 72 18.04 -20.35 -8.06
C LEU B 72 18.77 -21.67 -7.87
N SER B 73 19.08 -21.99 -6.61
CA SER B 73 19.50 -23.33 -6.21
C SER B 73 18.28 -24.16 -5.88
N GLU B 74 18.48 -25.46 -5.60
CA GLU B 74 17.32 -26.26 -5.19
C GLU B 74 16.71 -25.74 -3.89
N LYS B 75 17.55 -25.24 -2.98
CA LYS B 75 17.04 -24.60 -1.78
C LYS B 75 16.22 -23.37 -2.12
N GLY B 76 16.62 -22.64 -3.17
CA GLY B 76 15.86 -21.47 -3.59
C GLY B 76 14.51 -21.82 -4.18
N TRP B 77 14.46 -22.87 -5.01
CA TRP B 77 13.17 -23.34 -5.52
C TRP B 77 12.26 -23.78 -4.38
N GLU B 78 12.81 -24.47 -3.38
CA GLU B 78 12.03 -24.88 -2.23
C GLU B 78 11.53 -23.68 -1.43
N ALA B 79 12.39 -22.66 -1.25
CA ALA B 79 11.97 -21.45 -0.56
C ALA B 79 10.86 -20.73 -1.32
N LEU B 80 10.96 -20.70 -2.65
CA LEU B 80 9.94 -20.08 -3.47
C LEU B 80 8.59 -20.79 -3.30
N ARG B 81 8.58 -22.12 -3.44
CA ARG B 81 7.34 -22.88 -3.29
C ARG B 81 6.75 -22.70 -1.90
N LYS B 82 7.61 -22.77 -0.87
CA LYS B 82 7.13 -22.62 0.50
C LYS B 82 6.57 -21.23 0.73
N ALA B 83 7.25 -20.22 0.20
CA ALA B 83 6.78 -18.84 0.38
C ALA B 83 5.40 -18.66 -0.22
N TRP B 84 5.15 -19.26 -1.40
CA TRP B 84 3.86 -19.06 -2.04
C TRP B 84 2.74 -19.82 -1.32
N TYR B 85 3.06 -20.96 -0.70
CA TYR B 85 2.04 -21.76 -0.04
C TYR B 85 1.51 -21.06 1.22
N GLU B 86 2.34 -20.24 1.87
CA GLU B 86 1.93 -19.62 3.11
C GLU B 86 0.86 -18.55 2.87
N PRO B 87 -0.09 -18.40 3.80
CA PRO B 87 -1.09 -17.33 3.65
C PRO B 87 -0.43 -15.97 3.58
N VAL B 88 -1.11 -15.03 2.92
CA VAL B 88 -0.66 -13.65 2.93
C VAL B 88 -0.86 -13.08 4.32
N THR B 89 0.12 -12.30 4.80
CA THR B 89 -0.07 -11.47 5.98
C THR B 89 -0.42 -10.08 5.51
N TYR B 90 -1.58 -9.61 5.92
CA TYR B 90 -2.06 -8.30 5.48
C TYR B 90 -1.55 -7.25 6.45
N GLY B 91 -0.60 -6.46 5.98
CA GLY B 91 -0.03 -5.40 6.79
C GLY B 91 -1.05 -4.33 7.08
N PRO B 92 -0.71 -3.43 7.99
CA PRO B 92 -1.60 -2.29 8.24
C PRO B 92 -1.50 -1.25 7.14
N THR B 93 -2.61 -0.53 6.94
CA THR B 93 -2.69 0.45 5.87
C THR B 93 -1.78 1.65 6.16
N ARG B 94 -1.05 2.10 5.13
CA ARG B 94 -0.34 3.37 5.16
C ARG B 94 -0.61 4.06 3.82
N ASP B 95 -1.72 4.78 3.75
CA ASP B 95 -2.18 5.39 2.52
C ASP B 95 -2.09 6.91 2.65
N PRO B 96 -1.15 7.57 1.96
CA PRO B 96 -0.98 9.01 2.19
C PRO B 96 -2.16 9.84 1.70
N ALA B 97 -2.83 9.42 0.63
CA ALA B 97 -3.98 10.17 0.13
C ALA B 97 -5.19 10.04 1.05
N ARG B 98 -5.37 8.86 1.64
CA ARG B 98 -6.47 8.67 2.59
C ARG B 98 -6.22 9.50 3.86
N LEU B 99 -4.97 9.54 4.32
CA LEU B 99 -4.62 10.38 5.46
C LEU B 99 -4.87 11.85 5.15
N LYS B 100 -4.44 12.31 3.97
CA LYS B 100 -4.69 13.70 3.58
C LYS B 100 -6.19 14.01 3.60
N ALA B 101 -6.98 13.13 2.99
CA ALA B 101 -8.40 13.38 2.88
C ALA B 101 -9.07 13.40 4.25
N ALA B 102 -8.61 12.54 5.16
CA ALA B 102 -9.22 12.48 6.49
C ALA B 102 -9.17 13.83 7.20
N TYR B 103 -8.16 14.63 6.87
CA TYR B 103 -7.94 15.90 7.54
C TYR B 103 -7.95 17.08 6.58
N PHE B 104 -8.77 16.99 5.52
CA PHE B 104 -8.90 18.12 4.59
C PHE B 104 -9.30 19.42 5.28
N GLU B 105 -9.90 19.35 6.47
CA GLU B 105 -10.28 20.58 7.14
C GLU B 105 -9.09 21.40 7.59
N VAL B 106 -7.88 20.85 7.52
CA VAL B 106 -6.68 21.63 7.81
C VAL B 106 -6.52 22.80 6.84
N GLY B 107 -6.93 22.61 5.59
CA GLY B 107 -6.84 23.62 4.57
C GLY B 107 -8.21 24.01 4.02
N THR B 108 -8.22 24.60 2.83
CA THR B 108 -9.46 25.06 2.20
C THR B 108 -10.09 23.97 1.36
N ASN B 109 -11.37 24.17 1.03
CA ASN B 109 -11.99 23.25 0.08
C ASN B 109 -11.27 23.29 -1.26
N GLY B 110 -10.74 24.45 -1.65
CA GLY B 110 -9.94 24.52 -2.87
C GLY B 110 -8.69 23.65 -2.81
N ASP B 111 -8.00 23.64 -1.66
CA ASP B 111 -6.87 22.74 -1.48
C ASP B 111 -7.32 21.29 -1.64
N ALA B 112 -8.45 20.96 -1.04
CA ALA B 112 -8.93 19.58 -1.08
C ALA B 112 -9.26 19.16 -2.51
N ARG B 113 -9.90 20.05 -3.27
CA ARG B 113 -10.18 19.72 -4.67
C ARG B 113 -8.89 19.49 -5.45
N ARG B 114 -7.86 20.30 -5.17
CA ARG B 114 -6.57 20.11 -5.83
C ARG B 114 -6.00 18.73 -5.50
N HIS B 115 -6.07 18.32 -4.23
CA HIS B 115 -5.61 16.98 -3.85
C HIS B 115 -6.41 15.90 -4.56
N LEU B 116 -7.73 16.04 -4.63
CA LEU B 116 -8.54 14.97 -5.22
C LEU B 116 -8.32 14.90 -6.72
N ARG B 117 -8.18 16.05 -7.38
CA ARG B 117 -7.87 16.05 -8.81
C ARG B 117 -6.52 15.37 -9.07
N ALA B 118 -5.55 15.60 -8.18
CA ALA B 118 -4.24 14.95 -8.32
C ALA B 118 -4.35 13.45 -8.13
N HIS B 119 -5.23 13.02 -7.21
CA HIS B 119 -5.46 11.59 -7.00
C HIS B 119 -5.97 10.94 -8.28
N ILE B 120 -6.97 11.56 -8.90
CA ILE B 120 -7.53 11.05 -10.15
C ILE B 120 -6.45 10.96 -11.22
N ALA B 121 -5.66 12.03 -11.39
CA ALA B 121 -4.63 12.01 -12.44
C ALA B 121 -3.61 10.91 -12.18
N HIS B 122 -3.26 10.68 -10.92
CA HIS B 122 -2.29 9.64 -10.61
C HIS B 122 -2.80 8.28 -11.05
N PHE B 123 -4.02 7.96 -10.66
CA PHE B 123 -4.53 6.63 -10.93
C PHE B 123 -5.03 6.48 -12.36
N GLU B 124 -5.41 7.56 -13.04
CA GLU B 124 -5.66 7.43 -14.48
C GLU B 124 -4.37 7.10 -15.22
N GLN B 125 -3.24 7.68 -14.79
CA GLN B 125 -1.95 7.33 -15.37
C GLN B 125 -1.58 5.88 -15.06
N GLN B 126 -1.86 5.42 -13.84
CA GLN B 126 -1.58 4.03 -13.49
C GLN B 126 -2.41 3.06 -14.32
N LYS B 127 -3.68 3.39 -14.60
CA LYS B 127 -4.50 2.56 -15.47
C LYS B 127 -3.86 2.41 -16.84
N ILE B 128 -3.33 3.51 -17.40
CA ILE B 128 -2.69 3.42 -18.71
C ILE B 128 -1.50 2.48 -18.66
N GLN B 129 -0.72 2.61 -17.59
CA GLN B 129 0.47 1.77 -17.45
C GLN B 129 0.08 0.32 -17.32
N SER B 130 -0.91 0.04 -16.45
CA SER B 130 -1.37 -1.34 -16.25
C SER B 130 -1.96 -1.92 -17.53
N GLU B 131 -2.76 -1.15 -18.26
CA GLU B 131 -3.35 -1.67 -19.48
C GLU B 131 -2.29 -1.93 -20.54
N SER B 132 -1.26 -1.08 -20.58
CA SER B 132 -0.16 -1.29 -21.51
C SER B 132 0.63 -2.54 -21.13
N MET B 133 0.82 -2.76 -19.82
CA MET B 133 1.49 -3.98 -19.37
C MET B 133 0.70 -5.22 -19.80
N ILE B 134 -0.63 -5.18 -19.68
CA ILE B 134 -1.44 -6.33 -20.10
C ILE B 134 -1.28 -6.59 -21.59
N ASP B 135 -1.22 -5.53 -22.42
CA ASP B 135 -0.95 -5.72 -23.85
C ASP B 135 0.37 -6.43 -24.09
N GLU B 136 1.42 -6.02 -23.37
CA GLU B 136 2.73 -6.66 -23.54
C GLU B 136 2.70 -8.09 -23.05
N LEU B 137 1.98 -8.36 -21.95
CA LEU B 137 1.90 -9.72 -21.44
C LEU B 137 1.17 -10.62 -22.42
N LYS B 138 0.04 -10.17 -22.96
CA LYS B 138 -0.72 -11.01 -23.88
C LYS B 138 0.01 -11.20 -25.20
N ALA B 139 0.81 -10.21 -25.62
CA ALA B 139 1.67 -10.38 -26.79
C ALA B 139 2.85 -11.30 -26.51
N LYS B 140 3.13 -11.59 -25.24
CA LYS B 140 4.20 -12.50 -24.81
C LYS B 140 5.59 -11.95 -25.07
N THR B 141 5.71 -10.63 -25.27
CA THR B 141 6.99 -10.03 -25.59
C THR B 141 7.56 -9.17 -24.46
N HIS B 142 6.85 -9.01 -23.36
CA HIS B 142 7.47 -8.37 -22.21
C HIS B 142 8.76 -9.11 -21.87
N PRO B 143 9.89 -8.40 -21.70
CA PRO B 143 11.18 -9.12 -21.64
C PRO B 143 11.29 -10.17 -20.55
N THR B 144 10.78 -9.90 -19.34
CA THR B 144 10.85 -10.93 -18.29
C THR B 144 9.91 -12.08 -18.60
N LEU B 145 8.69 -11.78 -19.05
CA LEU B 145 7.76 -12.84 -19.42
C LEU B 145 8.35 -13.72 -20.53
N ALA B 146 8.97 -13.10 -21.53
CA ALA B 146 9.50 -13.88 -22.65
C ALA B 146 10.59 -14.83 -22.18
N ARG B 147 11.50 -14.35 -21.32
CA ARG B 147 12.52 -15.21 -20.74
C ARG B 147 11.89 -16.34 -19.94
N ARG B 148 10.85 -16.02 -19.16
CA ARG B 148 10.18 -17.04 -18.37
C ARG B 148 9.56 -18.11 -19.25
N LEU B 149 8.85 -17.70 -20.30
CA LEU B 149 8.20 -18.66 -21.18
C LEU B 149 9.24 -19.53 -21.89
N GLU B 150 10.38 -18.95 -22.24
CA GLU B 150 11.45 -19.73 -22.87
C GLU B 150 11.89 -20.88 -21.99
N ARG B 151 11.85 -20.70 -20.67
CA ARG B 151 12.29 -21.70 -19.70
C ARG B 151 11.15 -22.49 -19.10
N SER B 152 9.94 -22.36 -19.63
CA SER B 152 8.79 -23.04 -19.08
C SER B 152 8.19 -24.01 -20.07
N PRO B 153 7.66 -25.13 -19.58
CA PRO B 153 6.97 -26.08 -20.46
C PRO B 153 5.74 -25.44 -21.11
N LYS B 154 5.57 -25.73 -22.41
CA LYS B 154 4.48 -25.12 -23.17
C LYS B 154 3.12 -25.30 -22.50
N LYS B 155 2.89 -26.45 -21.85
CA LYS B 155 1.59 -26.71 -21.24
C LYS B 155 1.22 -25.68 -20.18
N GLU B 156 2.22 -24.98 -19.63
CA GLU B 156 2.02 -24.02 -18.56
C GLU B 156 1.94 -22.58 -19.04
N HIS B 157 2.18 -22.32 -20.33
CA HIS B 157 2.33 -20.93 -20.76
C HIS B 157 1.05 -20.13 -20.53
N GLU B 158 -0.11 -20.69 -20.85
CA GLU B 158 -1.33 -19.90 -20.71
C GLU B 158 -1.61 -19.56 -19.25
N ARG B 159 -1.38 -20.52 -18.35
CA ARG B 159 -1.51 -20.26 -16.92
C ARG B 159 -0.56 -19.16 -16.45
N ILE B 160 0.71 -19.23 -16.86
CA ILE B 160 1.70 -18.22 -16.47
C ILE B 160 1.24 -16.83 -16.87
N VAL B 161 0.82 -16.68 -18.13
CA VAL B 161 0.42 -15.36 -18.64
C VAL B 161 -0.82 -14.88 -17.91
N ALA B 162 -1.79 -15.76 -17.75
CA ALA B 162 -3.07 -15.36 -17.16
C ALA B 162 -2.90 -14.81 -15.75
N PHE B 163 -1.98 -15.38 -14.95
CA PHE B 163 -1.79 -14.86 -13.61
C PHE B 163 -1.13 -13.50 -13.62
N LYS B 164 -0.18 -13.25 -14.54
CA LYS B 164 0.38 -11.91 -14.67
C LYS B 164 -0.71 -10.92 -15.03
N VAL B 165 -1.58 -11.31 -15.98
CA VAL B 165 -2.68 -10.43 -16.39
C VAL B 165 -3.60 -10.17 -15.21
N LEU B 166 -3.93 -11.23 -14.44
CA LEU B 166 -4.80 -11.07 -13.29
C LEU B 166 -4.28 -10.03 -12.32
N ALA B 167 -2.97 -10.06 -12.06
CA ALA B 167 -2.35 -9.10 -11.15
C ALA B 167 -2.56 -7.67 -11.64
N TYR B 168 -2.34 -7.43 -12.94
CA TYR B 168 -2.51 -6.06 -13.42
C TYR B 168 -3.98 -5.67 -13.55
N GLU B 169 -4.88 -6.63 -13.76
CA GLU B 169 -6.30 -6.31 -13.66
C GLU B 169 -6.67 -5.86 -12.26
N GLY B 170 -5.97 -6.38 -11.24
CA GLY B 170 -6.22 -5.92 -9.89
C GLY B 170 -5.72 -4.50 -9.67
N GLN B 171 -4.57 -4.17 -10.27
CA GLN B 171 -4.11 -2.79 -10.24
C GLN B 171 -5.11 -1.86 -10.90
N ILE B 172 -5.72 -2.31 -12.00
CA ILE B 172 -6.72 -1.48 -12.68
C ILE B 172 -7.99 -1.35 -11.83
N ALA B 173 -8.42 -2.45 -11.23
CA ALA B 173 -9.60 -2.39 -10.36
C ALA B 173 -9.40 -1.40 -9.23
N ARG B 174 -8.25 -1.48 -8.55
CA ARG B 174 -7.97 -0.54 -7.47
C ARG B 174 -7.94 0.90 -7.99
N ALA B 175 -7.28 1.12 -9.12
CA ALA B 175 -7.16 2.46 -9.66
C ALA B 175 -8.53 3.05 -9.97
N GLN B 176 -9.41 2.25 -10.57
CA GLN B 176 -10.75 2.72 -10.87
C GLN B 176 -11.51 3.07 -9.60
N ALA B 177 -11.37 2.26 -8.55
CA ALA B 177 -12.02 2.56 -7.28
C ALA B 177 -11.51 3.87 -6.70
N GLU B 178 -10.20 4.13 -6.83
CA GLU B 178 -9.63 5.37 -6.32
C GLU B 178 -10.17 6.58 -7.08
N ILE B 179 -10.31 6.45 -8.40
CA ILE B 179 -10.88 7.52 -9.22
C ILE B 179 -12.33 7.79 -8.82
N GLU B 180 -13.12 6.73 -8.64
CA GLU B 180 -14.53 6.92 -8.29
C GLU B 180 -14.67 7.53 -6.90
N TRP B 181 -13.83 7.11 -5.96
CA TRP B 181 -13.81 7.72 -4.64
C TRP B 181 -13.48 9.20 -4.71
N ALA B 182 -12.41 9.54 -5.43
CA ALA B 182 -12.04 10.95 -5.55
C ALA B 182 -13.14 11.76 -6.23
N GLU B 183 -13.83 11.17 -7.20
CA GLU B 183 -14.90 11.90 -7.88
C GLU B 183 -16.09 12.15 -6.95
N LYS B 184 -16.30 11.28 -6.02
CA LYS B 184 -17.42 11.53 -5.09
C LYS B 184 -16.95 12.50 -4.02
N GLY B 185 -15.67 12.51 -3.76
CA GLY B 185 -15.16 13.52 -2.86
C GLY B 185 -15.28 14.90 -3.47
N LEU B 186 -15.03 15.01 -4.77
CA LEU B 186 -15.20 16.31 -5.44
C LEU B 186 -16.64 16.77 -5.38
N LYS B 187 -17.60 15.83 -5.51
CA LYS B 187 -19.01 16.20 -5.40
C LYS B 187 -19.35 16.63 -3.98
N LEU B 188 -18.79 15.94 -2.98
CA LEU B 188 -18.94 16.38 -1.60
C LEU B 188 -18.46 17.80 -1.42
N LEU B 189 -17.30 18.12 -1.99
CA LEU B 189 -16.72 19.45 -1.83
C LEU B 189 -17.55 20.54 -2.52
N ASP B 190 -18.43 20.17 -3.45
CA ASP B 190 -19.35 21.16 -4.01
C ASP B 190 -20.28 21.71 -2.93
N THR B 191 -20.69 20.86 -1.99
CA THR B 191 -21.76 21.17 -1.05
C THR B 191 -21.26 21.65 0.31
N LEU B 192 -19.99 21.43 0.62
CA LEU B 192 -19.47 21.73 1.97
C LEU B 192 -19.14 23.21 2.11
C1 VNL C . -10.33 11.10 13.90
CO1 VNL C . -11.37 10.43 14.54
CO2 VNL C . -9.68 10.49 12.81
CM1 VNL C . -11.77 9.19 14.11
CM2 VNL C . -10.09 9.24 12.39
OM VNL C . -9.47 8.63 11.33
CZ VNL C . -11.13 8.60 13.04
CC VNL C . -9.93 12.42 14.39
CV VNL C . -8.64 9.42 10.48
O1 VNL C . -10.77 13.14 14.91
O2 VNL C . -8.74 12.76 14.33
O3 VNL C . -11.53 7.37 12.64
C1 VNL D . 6.63 -10.88 -15.02
CO1 VNL D . 6.56 -10.26 -16.27
CO2 VNL D . 6.03 -10.28 -13.91
CM1 VNL D . 5.92 -9.05 -16.41
CM2 VNL D . 5.40 -9.07 -14.05
OM VNL D . 4.79 -8.48 -12.99
CZ VNL D . 5.33 -8.47 -15.30
CC VNL D . 7.33 -12.18 -14.85
CV VNL D . 4.63 -9.28 -11.81
O1 VNL D . 7.85 -12.47 -13.78
O2 VNL D . 7.38 -12.95 -15.78
O3 VNL D . 4.69 -7.27 -15.41
#